data_6S24
#
_entry.id   6S24
#
_cell.length_a   50.655
_cell.length_b   104.661
_cell.length_c   143.186
_cell.angle_alpha   90.00
_cell.angle_beta   90.00
_cell.angle_gamma   90.00
#
_symmetry.space_group_name_H-M   'P 21 21 21'
#
loop_
_entity.id
_entity.type
_entity.pdbx_description
1 polymer 'Polypeptide N-acetylgalactosaminyltransferase'
2 polymer ALA-THR-GLY-ALA-GLY-ALA-GLY-ALA-GLY-THR-THR-PRO-GLY-PRO
3 non-polymer TRIS(HYDROXYETHYL)AMINOMETHANE
4 non-polymer 'PHOSPHATE ION'
5 non-polymer "URIDINE-5'-DIPHOSPHATE"
6 non-polymer 'MANGANESE (II) ION'
7 non-polymer 2-acetamido-2-deoxy-beta-D-glucopyranose
8 non-polymer 2-acetamido-2-deoxy-beta-D-galactopyranose
9 water water
#
loop_
_entity_poly.entity_id
_entity_poly.type
_entity_poly.pdbx_seq_one_letter_code
_entity_poly.pdbx_strand_id
1 'polypeptide(L)'
;MALKKAPKLFKTFFHWKLWKFSIIVFVFLVFLFLLQREVGVQDFKDEAGIEPVVGKKSHVLGLVLNAMNNIKGAKPKMQI
KAPIRQTKVPGERHCLPGHYTPVELKPFLDRPLQDPNAPGASGKAFKTINLNSEEQKEKQAGEEKHCFNAFASDRISLHR
DLGPDTRPPECIEQKFKRCPPLPTTSIIIVFHNEAWSTLLRTVHSVMYTSPAILLKEIILVDDASVDEYLHDKLDEYVKQ
FQIVKVVRQKERKGLITARLLGASVATGETLTFLDAHCECFYGWLEPLLARIAENPVAVVSPDIASIDLNTFEFSKPSPY
GHSHNRGNFDWSLSFGWESLPKHENKRRKDETYPIRTPTFAGGLFSISKDYFEYIGSYDEEMEIWGGENIEMSFRVWQCG
GQLEIMPCSVVGHVFRSKSPHTFPKGTQVITRNQVRLAEVWMDEYKEIFYRRNTEAAKIVKQKTFGDISKRIDLRQRLQC
KNFTWYLSNVYPEAYVPDLNPLFSGYLKNIGNRMCLDVGENNHGGKPLIMYSCHGLGGNQYFEYSAHHEIRHNIQKELCL
HASKGPVQLRECTYKGQKTFAVGEEQWLHQKDQTLYNEALHMCLTGNGEHPSLASCNPSDPFQKWIFGQND
;
A
2 'polypeptide(L)' ATGAGAGAGTTPGP F
#
# COMPACT_ATOMS: atom_id res chain seq x y z
N HIS A 94 23.82 27.08 -17.10
CA HIS A 94 23.12 25.72 -17.17
C HIS A 94 21.62 25.82 -17.51
N CYS A 95 20.99 26.98 -17.31
CA CYS A 95 19.54 27.20 -17.28
C CYS A 95 19.06 27.85 -18.58
N LEU A 96 18.49 27.09 -19.51
CA LEU A 96 18.18 27.61 -20.86
C LEU A 96 16.73 28.09 -20.88
N PRO A 97 16.43 29.03 -21.82
CA PRO A 97 15.06 29.47 -22.07
C PRO A 97 14.28 28.40 -22.83
N GLY A 98 12.96 28.50 -22.76
CA GLY A 98 12.00 27.71 -23.53
C GLY A 98 11.77 26.33 -22.94
N HIS A 99 11.26 25.45 -23.79
CA HIS A 99 10.71 24.12 -23.46
C HIS A 99 11.53 23.07 -24.23
N TYR A 100 11.75 21.92 -23.60
CA TYR A 100 12.36 20.77 -24.28
C TYR A 100 11.50 20.44 -25.50
N THR A 101 12.14 20.19 -26.63
CA THR A 101 11.54 19.65 -27.88
C THR A 101 11.33 18.14 -27.79
N PRO A 102 10.36 17.60 -28.55
CA PRO A 102 10.19 16.14 -28.64
C PRO A 102 11.47 15.41 -29.06
N VAL A 103 12.27 16.02 -29.93
CA VAL A 103 13.59 15.41 -30.28
C VAL A 103 14.49 15.36 -29.03
N GLU A 104 14.49 16.40 -28.21
CA GLU A 104 15.34 16.46 -27.00
C GLU A 104 14.90 15.37 -26.02
N LEU A 105 13.63 14.98 -26.07
CA LEU A 105 13.02 14.00 -25.13
C LEU A 105 12.98 12.60 -25.76
N LYS A 106 13.70 12.30 -26.83
CA LYS A 106 13.45 10.97 -27.45
C LYS A 106 14.04 9.92 -26.51
N PRO A 107 13.38 8.75 -26.41
CA PRO A 107 13.72 7.76 -25.40
C PRO A 107 15.10 7.15 -25.59
N PHE A 108 15.59 6.41 -24.58
CA PHE A 108 16.93 5.78 -24.55
C PHE A 108 17.03 4.72 -25.66
N LEU A 109 15.93 4.02 -25.90
CA LEU A 109 15.77 2.89 -26.85
C LEU A 109 14.42 3.08 -27.58
N ASP A 110 14.39 2.86 -28.89
CA ASP A 110 13.16 3.04 -29.71
C ASP A 110 12.38 1.74 -29.73
N ARG A 111 11.09 1.77 -29.40
CA ARG A 111 10.22 0.57 -29.38
C ARG A 111 10.00 0.16 -30.84
N PRO A 112 10.29 -1.09 -31.23
CA PRO A 112 9.87 -1.56 -32.56
C PRO A 112 8.34 -1.56 -32.64
N LEU A 113 7.79 -1.20 -33.81
CA LEU A 113 6.37 -1.43 -34.20
C LEU A 113 6.11 -2.89 -33.85
N GLN A 114 5.02 -3.15 -33.12
CA GLN A 114 4.64 -4.47 -32.58
C GLN A 114 3.58 -5.12 -33.48
N ASP A 115 3.54 -6.45 -33.47
CA ASP A 115 2.48 -7.32 -34.06
C ASP A 115 1.19 -7.08 -33.29
N PRO A 116 0.14 -6.50 -33.88
CA PRO A 116 -1.07 -6.21 -33.10
C PRO A 116 -1.87 -7.46 -32.68
N ASN A 117 -1.59 -8.66 -33.22
CA ASN A 117 -2.37 -9.89 -32.90
C ASN A 117 -1.53 -10.81 -32.01
N ALA A 118 -0.35 -10.39 -31.55
CA ALA A 118 0.48 -11.12 -30.55
C ALA A 118 -0.18 -11.13 -29.17
N PRO A 119 0.13 -12.08 -28.27
CA PRO A 119 -0.47 -12.12 -26.94
C PRO A 119 -0.14 -10.88 -26.09
N GLY A 120 -1.14 -10.33 -25.40
CA GLY A 120 -1.00 -9.11 -24.56
C GLY A 120 -0.80 -7.83 -25.35
N ALA A 121 -0.80 -7.87 -26.68
CA ALA A 121 -0.50 -6.67 -27.51
C ALA A 121 -1.38 -5.51 -27.08
N SER A 122 -0.80 -4.30 -27.09
CA SER A 122 -1.42 -3.00 -26.74
C SER A 122 -1.96 -3.02 -25.31
N GLY A 123 -1.46 -3.92 -24.47
CA GLY A 123 -1.86 -4.06 -23.06
C GLY A 123 -3.23 -4.70 -22.86
N LYS A 124 -3.76 -5.45 -23.83
CA LYS A 124 -5.10 -6.08 -23.69
C LYS A 124 -4.96 -7.46 -23.03
N ALA A 125 -6.07 -8.02 -22.57
CA ALA A 125 -6.08 -9.23 -21.73
C ALA A 125 -5.48 -10.37 -22.53
N PHE A 126 -4.63 -11.20 -21.93
CA PHE A 126 -4.20 -12.51 -22.48
C PHE A 126 -4.94 -13.60 -21.68
N LYS A 127 -5.93 -14.24 -22.29
CA LYS A 127 -6.71 -15.35 -21.67
C LYS A 127 -6.01 -16.67 -22.01
N THR A 128 -5.44 -17.32 -20.99
CA THR A 128 -4.62 -18.57 -21.09
C THR A 128 -5.52 -19.78 -20.75
N ILE A 129 -6.22 -20.28 -21.77
CA ILE A 129 -7.36 -21.25 -21.69
C ILE A 129 -7.10 -22.34 -22.75
N ASN A 130 -7.76 -23.50 -22.66
CA ASN A 130 -7.59 -24.62 -23.63
C ASN A 130 -6.13 -25.10 -23.61
N LEU A 131 -5.54 -25.25 -22.42
CA LEU A 131 -4.12 -25.62 -22.24
C LEU A 131 -4.00 -27.15 -22.26
N ASN A 132 -2.95 -27.67 -22.91
CA ASN A 132 -2.57 -29.11 -22.84
C ASN A 132 -2.01 -29.38 -21.44
N SER A 133 -1.78 -30.65 -21.11
CA SER A 133 -1.55 -31.13 -19.72
C SER A 133 -0.20 -30.61 -19.21
N GLU A 134 0.81 -30.51 -20.07
CA GLU A 134 2.15 -29.94 -19.74
C GLU A 134 2.04 -28.43 -19.49
N GLU A 135 1.23 -27.73 -20.29
CA GLU A 135 0.94 -26.27 -20.18
C GLU A 135 0.22 -25.97 -18.84
N GLN A 136 -0.81 -26.74 -18.49
CA GLN A 136 -1.56 -26.59 -17.20
C GLN A 136 -0.61 -26.82 -16.02
N LYS A 137 0.39 -27.68 -16.20
CA LYS A 137 1.45 -27.95 -15.18
C LYS A 137 2.34 -26.70 -15.04
N GLU A 138 2.84 -26.16 -16.14
CA GLU A 138 3.70 -24.95 -16.16
C GLU A 138 2.96 -23.80 -15.45
N LYS A 139 1.68 -23.60 -15.79
CA LYS A 139 0.87 -22.48 -15.25
C LYS A 139 0.79 -22.56 -13.74
N GLN A 140 0.48 -23.74 -13.18
CA GLN A 140 0.33 -23.92 -11.70
C GLN A 140 1.70 -23.74 -11.02
N ALA A 141 2.79 -24.22 -11.64
CA ALA A 141 4.16 -23.94 -11.19
C ALA A 141 4.41 -22.41 -11.14
N GLY A 142 4.02 -21.68 -12.18
CA GLY A 142 4.23 -20.21 -12.26
C GLY A 142 3.47 -19.52 -11.15
N GLU A 143 2.15 -19.80 -11.08
CA GLU A 143 1.22 -19.23 -10.07
C GLU A 143 1.80 -19.46 -8.69
N GLU A 144 2.37 -20.64 -8.43
CA GLU A 144 2.79 -20.98 -7.05
C GLU A 144 4.20 -20.41 -6.80
N LYS A 145 5.01 -20.22 -7.84
CA LYS A 145 6.33 -19.54 -7.66
C LYS A 145 6.13 -18.02 -7.44
N HIS A 146 5.24 -17.39 -8.19
CA HIS A 146 5.23 -15.91 -8.38
C HIS A 146 3.95 -15.26 -7.82
N CYS A 147 2.90 -16.03 -7.53
CA CYS A 147 1.60 -15.49 -7.08
C CYS A 147 1.07 -14.50 -8.15
N PHE A 148 1.39 -14.80 -9.42
CA PHE A 148 0.80 -14.19 -10.64
C PHE A 148 0.93 -15.24 -11.73
N ASN A 149 0.20 -15.04 -12.82
CA ASN A 149 0.15 -15.97 -13.96
C ASN A 149 1.39 -15.75 -14.82
N ALA A 150 2.53 -16.30 -14.38
CA ALA A 150 3.83 -16.25 -15.09
C ALA A 150 3.71 -16.90 -16.47
N PHE A 151 2.81 -17.86 -16.64
CA PHE A 151 2.57 -18.54 -17.94
C PHE A 151 2.15 -17.48 -18.97
N ALA A 152 1.34 -16.50 -18.54
CA ALA A 152 0.87 -15.40 -19.41
C ALA A 152 2.06 -14.49 -19.69
N SER A 153 2.72 -14.04 -18.62
CA SER A 153 3.86 -13.11 -18.70
C SER A 153 4.93 -13.67 -19.63
N ASP A 154 5.18 -14.96 -19.59
CA ASP A 154 6.27 -15.57 -20.39
C ASP A 154 5.90 -15.59 -21.88
N ARG A 155 4.63 -15.41 -22.26
CA ARG A 155 4.18 -15.44 -23.68
C ARG A 155 3.90 -14.04 -24.23
N ILE A 156 4.04 -12.99 -23.42
CA ILE A 156 3.80 -11.58 -23.86
C ILE A 156 5.15 -10.96 -24.21
N SER A 157 5.28 -10.18 -25.28
CA SER A 157 6.56 -9.52 -25.65
C SER A 157 7.13 -8.70 -24.47
N LEU A 158 8.45 -8.68 -24.30
CA LEU A 158 9.12 -7.71 -23.39
C LEU A 158 8.97 -6.28 -23.93
N HIS A 159 8.46 -6.13 -25.15
CA HIS A 159 8.47 -4.86 -25.93
C HIS A 159 7.05 -4.34 -26.19
N ARG A 160 6.03 -4.99 -25.64
CA ARG A 160 4.59 -4.69 -25.95
C ARG A 160 4.36 -3.17 -25.79
N ASP A 161 3.70 -2.53 -26.75
CA ASP A 161 3.17 -1.14 -26.58
C ASP A 161 1.96 -1.27 -25.65
N LEU A 162 1.40 -0.15 -25.18
CA LEU A 162 0.18 -0.14 -24.34
C LEU A 162 -0.93 0.60 -25.08
N GLY A 163 -0.90 0.48 -26.41
CA GLY A 163 -1.95 1.05 -27.27
C GLY A 163 -1.82 2.57 -27.32
N PRO A 164 -2.93 3.28 -27.59
CA PRO A 164 -2.89 4.74 -27.68
C PRO A 164 -2.77 5.32 -26.27
N ASP A 165 -2.20 6.53 -26.19
CA ASP A 165 -2.01 7.36 -24.97
C ASP A 165 -3.40 7.91 -24.61
N THR A 166 -4.02 7.37 -23.58
CA THR A 166 -5.38 7.74 -23.17
C THR A 166 -5.35 8.69 -21.96
N ARG A 167 -4.23 9.32 -21.66
CA ARG A 167 -4.14 10.29 -20.54
C ARG A 167 -4.99 11.51 -20.87
N PRO A 168 -5.37 12.34 -19.87
CA PRO A 168 -5.92 13.67 -20.15
C PRO A 168 -5.12 14.43 -21.19
N PRO A 169 -5.81 15.21 -22.04
CA PRO A 169 -5.18 16.07 -23.05
C PRO A 169 -4.11 17.01 -22.52
N GLU A 170 -4.33 17.64 -21.37
CA GLU A 170 -3.33 18.56 -20.78
C GLU A 170 -2.04 17.79 -20.44
N CYS A 171 -2.11 16.50 -20.05
CA CYS A 171 -0.92 15.60 -19.85
C CYS A 171 -0.17 15.34 -21.19
N ILE A 172 -0.88 15.05 -22.29
CA ILE A 172 -0.24 14.80 -23.62
C ILE A 172 0.40 16.08 -24.19
N GLU A 173 -0.21 17.24 -23.93
CA GLU A 173 0.28 18.57 -24.39
C GLU A 173 1.33 19.19 -23.47
N GLN A 174 1.47 18.77 -22.22
CA GLN A 174 2.37 19.44 -21.25
C GLN A 174 3.78 19.57 -21.85
N LYS A 175 4.37 20.76 -21.74
CA LYS A 175 5.77 21.06 -22.14
C LYS A 175 6.58 21.28 -20.85
N PHE A 176 7.89 21.04 -20.91
CA PHE A 176 8.76 21.17 -19.71
C PHE A 176 9.80 22.24 -20.01
N LYS A 177 9.89 23.21 -19.09
CA LYS A 177 10.88 24.31 -19.14
C LYS A 177 12.29 23.72 -19.04
N ARG A 178 13.24 24.38 -19.68
CA ARG A 178 14.68 24.05 -19.63
C ARG A 178 15.32 24.72 -18.41
N CYS A 179 14.59 25.58 -17.71
CA CYS A 179 15.08 26.25 -16.48
C CYS A 179 13.96 26.28 -15.44
N PRO A 180 14.09 25.61 -14.27
CA PRO A 180 15.25 24.76 -13.94
C PRO A 180 15.31 23.56 -14.87
N PRO A 181 16.50 23.03 -15.19
CA PRO A 181 16.59 21.93 -16.15
C PRO A 181 15.96 20.67 -15.56
N LEU A 182 15.52 19.75 -16.43
CA LEU A 182 15.00 18.43 -15.96
C LEU A 182 16.19 17.72 -15.33
N PRO A 183 16.11 17.26 -14.06
CA PRO A 183 17.24 16.55 -13.46
C PRO A 183 17.43 15.16 -14.07
N THR A 184 18.65 14.63 -14.05
CA THR A 184 18.94 13.23 -14.37
C THR A 184 18.31 12.35 -13.29
N THR A 185 18.13 11.06 -13.59
CA THR A 185 17.65 10.11 -12.57
C THR A 185 18.48 8.83 -12.64
N SER A 186 18.59 8.17 -11.49
CA SER A 186 19.02 6.77 -11.35
C SER A 186 17.81 5.92 -11.04
N ILE A 187 17.46 4.98 -11.92
CA ILE A 187 16.35 4.01 -11.71
C ILE A 187 16.87 2.89 -10.81
N ILE A 188 16.16 2.60 -9.73
CA ILE A 188 16.57 1.52 -8.76
C ILE A 188 15.41 0.53 -8.68
N ILE A 189 15.64 -0.68 -9.23
CA ILE A 189 14.68 -1.80 -9.21
C ILE A 189 15.26 -2.87 -8.29
N VAL A 190 14.58 -3.10 -7.17
CA VAL A 190 14.97 -4.15 -6.18
C VAL A 190 14.15 -5.39 -6.48
N PHE A 191 14.79 -6.55 -6.50
CA PHE A 191 14.09 -7.82 -6.75
C PHE A 191 14.64 -8.93 -5.85
N HIS A 192 13.74 -9.87 -5.58
CA HIS A 192 13.99 -11.17 -4.89
C HIS A 192 13.20 -12.26 -5.61
N ASN A 193 13.89 -13.11 -6.38
CA ASN A 193 13.27 -14.23 -7.14
C ASN A 193 12.14 -13.71 -8.05
N GLU A 194 12.38 -12.59 -8.75
CA GLU A 194 11.43 -12.11 -9.78
C GLU A 194 11.49 -13.06 -10.98
N ALA A 195 10.39 -13.26 -11.71
CA ALA A 195 10.40 -13.95 -13.01
C ALA A 195 11.25 -13.14 -14.01
N TRP A 196 11.86 -13.83 -14.96
CA TRP A 196 12.71 -13.20 -16.00
C TRP A 196 11.86 -12.24 -16.86
N SER A 197 10.67 -12.68 -17.27
CA SER A 197 9.85 -11.99 -18.30
C SER A 197 9.43 -10.61 -17.75
N THR A 198 9.14 -10.56 -16.46
CA THR A 198 8.51 -9.44 -15.72
C THR A 198 9.66 -8.46 -15.33
N LEU A 199 10.77 -8.98 -14.83
CA LEU A 199 11.99 -8.17 -14.52
C LEU A 199 12.48 -7.53 -15.82
N LEU A 200 12.66 -8.28 -16.90
CA LEU A 200 13.13 -7.66 -18.15
C LEU A 200 12.07 -6.84 -18.87
N ARG A 201 10.76 -7.06 -18.71
CA ARG A 201 9.76 -6.15 -19.33
C ARG A 201 9.78 -4.83 -18.55
N THR A 202 10.06 -4.87 -17.24
CA THR A 202 10.23 -3.62 -16.45
C THR A 202 11.40 -2.84 -17.04
N VAL A 203 12.55 -3.49 -17.18
CA VAL A 203 13.78 -2.81 -17.69
C VAL A 203 13.53 -2.30 -19.11
N HIS A 204 12.93 -3.11 -19.98
CA HIS A 204 12.66 -2.67 -21.38
C HIS A 204 11.70 -1.46 -21.34
N SER A 205 10.64 -1.55 -20.56
CA SER A 205 9.66 -0.46 -20.41
C SER A 205 10.35 0.87 -20.09
N VAL A 206 11.28 0.85 -19.15
CA VAL A 206 11.95 2.09 -18.70
C VAL A 206 12.71 2.65 -19.90
N MET A 207 13.39 1.81 -20.67
CA MET A 207 14.31 2.27 -21.77
C MET A 207 13.51 2.85 -22.94
N TYR A 208 12.33 2.30 -23.21
CA TYR A 208 11.45 2.69 -24.34
C TYR A 208 10.66 3.95 -24.03
N THR A 209 10.48 4.32 -22.74
CA THR A 209 9.56 5.42 -22.34
C THR A 209 10.31 6.58 -21.71
N SER A 210 11.55 6.39 -21.27
CA SER A 210 12.35 7.39 -20.52
C SER A 210 13.25 8.14 -21.49
N PRO A 211 13.10 9.48 -21.62
CA PRO A 211 14.04 10.28 -22.39
C PRO A 211 15.50 9.94 -22.06
N ALA A 212 16.31 9.72 -23.09
CA ALA A 212 17.77 9.46 -22.99
C ALA A 212 18.43 10.53 -22.12
N ILE A 213 18.04 11.80 -22.24
CA ILE A 213 18.76 12.91 -21.52
C ILE A 213 18.54 12.82 -20.01
N LEU A 214 17.53 12.09 -19.54
CA LEU A 214 17.15 11.95 -18.11
C LEU A 214 17.71 10.64 -17.49
N LEU A 215 17.95 9.64 -18.32
CA LEU A 215 18.16 8.27 -17.84
C LEU A 215 19.66 8.06 -17.72
N LYS A 216 20.21 8.34 -16.54
CA LYS A 216 21.67 8.20 -16.34
C LYS A 216 22.03 6.71 -16.21
N GLU A 217 21.21 5.92 -15.51
CA GLU A 217 21.50 4.51 -15.17
C GLU A 217 20.24 3.82 -14.61
N ILE A 218 20.23 2.51 -14.76
CA ILE A 218 19.26 1.56 -14.18
C ILE A 218 20.09 0.63 -13.29
N ILE A 219 19.88 0.72 -11.97
CA ILE A 219 20.48 -0.19 -10.97
C ILE A 219 19.43 -1.26 -10.63
N LEU A 220 19.78 -2.51 -10.85
CA LEU A 220 19.03 -3.73 -10.48
C LEU A 220 19.66 -4.23 -9.18
N VAL A 221 18.97 -4.17 -8.05
CA VAL A 221 19.50 -4.67 -6.74
C VAL A 221 18.93 -6.08 -6.49
N ASP A 222 19.79 -7.10 -6.48
CA ASP A 222 19.38 -8.49 -6.20
C ASP A 222 19.36 -8.74 -4.70
N ASP A 223 18.19 -8.87 -4.05
CA ASP A 223 18.14 -9.22 -2.60
C ASP A 223 18.26 -10.74 -2.46
N ALA A 224 19.45 -11.29 -2.74
CA ALA A 224 19.86 -12.70 -2.51
C ALA A 224 18.89 -13.66 -3.20
N SER A 225 18.65 -13.48 -4.49
CA SER A 225 17.78 -14.38 -5.27
C SER A 225 18.47 -15.75 -5.35
N VAL A 226 17.66 -16.81 -5.42
CA VAL A 226 18.10 -18.24 -5.48
C VAL A 226 18.21 -18.64 -6.95
N ASP A 227 17.34 -18.13 -7.80
CA ASP A 227 17.18 -18.58 -9.22
C ASP A 227 18.45 -18.25 -10.00
N GLU A 228 18.96 -19.25 -10.75
CA GLU A 228 20.32 -19.24 -11.33
C GLU A 228 20.32 -18.24 -12.50
N TYR A 229 19.20 -18.17 -13.23
CA TYR A 229 18.96 -17.25 -14.39
C TYR A 229 19.14 -15.79 -13.96
N LEU A 230 18.96 -15.45 -12.68
CA LEU A 230 19.12 -14.07 -12.13
C LEU A 230 20.58 -13.82 -11.70
N HIS A 231 21.51 -14.75 -11.97
CA HIS A 231 22.95 -14.56 -11.62
C HIS A 231 23.70 -14.17 -12.89
N ASP A 232 24.54 -15.04 -13.44
CA ASP A 232 25.44 -14.71 -14.58
C ASP A 232 24.57 -14.38 -15.80
N LYS A 233 23.45 -15.09 -15.99
CA LYS A 233 22.62 -14.89 -17.20
C LYS A 233 22.21 -13.41 -17.27
N LEU A 234 21.71 -12.85 -16.15
CA LEU A 234 21.23 -11.44 -16.04
C LEU A 234 22.41 -10.48 -16.21
N ASP A 235 23.51 -10.68 -15.48
CA ASP A 235 24.76 -9.89 -15.61
C ASP A 235 25.11 -9.69 -17.09
N GLU A 236 25.05 -10.74 -17.90
CA GLU A 236 25.57 -10.71 -19.28
C GLU A 236 24.55 -10.04 -20.19
N TYR A 237 23.28 -10.46 -20.13
CA TYR A 237 22.17 -9.93 -20.96
C TYR A 237 22.12 -8.39 -20.90
N VAL A 238 22.32 -7.85 -19.72
CA VAL A 238 22.08 -6.43 -19.36
C VAL A 238 23.26 -5.55 -19.84
N LYS A 239 24.44 -6.11 -20.11
CA LYS A 239 25.60 -5.34 -20.62
C LYS A 239 25.25 -4.61 -21.93
N GLN A 240 24.41 -5.17 -22.80
CA GLN A 240 24.13 -4.57 -24.13
C GLN A 240 23.58 -3.14 -23.95
N PHE A 241 22.87 -2.88 -22.84
CA PHE A 241 22.16 -1.60 -22.59
C PHE A 241 23.13 -0.51 -22.12
N GLN A 242 24.34 -0.87 -21.69
CA GLN A 242 25.47 0.02 -21.27
C GLN A 242 25.23 0.70 -19.92
N ILE A 243 24.02 1.10 -19.58
CA ILE A 243 23.78 1.90 -18.34
C ILE A 243 23.12 1.05 -17.27
N VAL A 244 22.95 -0.25 -17.50
CA VAL A 244 22.29 -1.16 -16.53
C VAL A 244 23.37 -1.92 -15.75
N LYS A 245 23.32 -1.83 -14.43
CA LYS A 245 24.23 -2.47 -13.47
C LYS A 245 23.41 -3.33 -12.52
N VAL A 246 23.87 -4.55 -12.25
CA VAL A 246 23.32 -5.43 -11.17
C VAL A 246 24.23 -5.33 -9.96
N VAL A 247 23.64 -5.01 -8.80
CA VAL A 247 24.32 -4.93 -7.46
C VAL A 247 23.75 -6.07 -6.60
N ARG A 248 24.62 -6.79 -5.86
CA ARG A 248 24.21 -8.03 -5.16
C ARG A 248 24.18 -7.80 -3.65
N GLN A 249 23.01 -8.02 -3.03
CA GLN A 249 22.87 -8.20 -1.56
C GLN A 249 22.96 -9.72 -1.35
N LYS A 250 24.16 -10.19 -1.02
CA LYS A 250 24.60 -11.61 -0.80
C LYS A 250 23.69 -12.35 0.21
N GLU A 251 23.39 -11.73 1.36
CA GLU A 251 22.51 -12.26 2.44
C GLU A 251 21.13 -11.58 2.35
N ARG A 252 20.06 -12.36 2.40
CA ARG A 252 18.67 -11.83 2.31
C ARG A 252 18.38 -10.85 3.44
N LYS A 253 18.30 -9.55 3.15
CA LYS A 253 17.96 -8.48 4.14
C LYS A 253 16.66 -7.74 3.76
N GLY A 254 16.06 -8.01 2.60
CA GLY A 254 14.76 -7.38 2.26
C GLY A 254 14.89 -6.07 1.49
N LEU A 255 13.74 -5.50 1.17
CA LEU A 255 13.53 -4.38 0.25
C LEU A 255 14.21 -3.11 0.76
N ILE A 256 14.19 -2.86 2.07
CA ILE A 256 14.67 -1.58 2.68
C ILE A 256 16.17 -1.48 2.48
N THR A 257 16.89 -2.51 2.92
CA THR A 257 18.37 -2.59 2.83
C THR A 257 18.79 -2.50 1.35
N ALA A 258 18.05 -3.17 0.47
CA ALA A 258 18.35 -3.22 -0.97
C ALA A 258 18.23 -1.81 -1.58
N ARG A 259 17.23 -1.05 -1.19
CA ARG A 259 17.04 0.33 -1.73
C ARG A 259 18.17 1.26 -1.27
N LEU A 260 18.57 1.12 -0.01
CA LEU A 260 19.72 1.87 0.55
C LEU A 260 20.99 1.50 -0.21
N LEU A 261 21.20 0.22 -0.50
CA LEU A 261 22.32 -0.25 -1.37
C LEU A 261 22.24 0.45 -2.72
N GLY A 262 21.11 0.36 -3.41
CA GLY A 262 20.92 1.01 -4.71
C GLY A 262 21.28 2.48 -4.65
N ALA A 263 20.75 3.19 -3.65
CA ALA A 263 20.93 4.65 -3.47
C ALA A 263 22.41 4.96 -3.29
N SER A 264 23.12 4.16 -2.49
CA SER A 264 24.54 4.39 -2.17
C SER A 264 25.37 4.28 -3.44
N VAL A 265 25.02 3.46 -4.43
CA VAL A 265 25.81 3.45 -5.70
C VAL A 265 25.24 4.47 -6.73
N ALA A 266 24.01 4.98 -6.59
CA ALA A 266 23.43 5.85 -7.62
C ALA A 266 24.22 7.16 -7.69
N THR A 267 24.42 7.71 -8.88
CA THR A 267 25.07 9.04 -9.06
C THR A 267 24.10 10.02 -9.74
N GLY A 268 22.85 9.64 -10.03
CA GLY A 268 21.83 10.55 -10.59
C GLY A 268 21.55 11.72 -9.65
N GLU A 269 20.95 12.80 -10.13
CA GLU A 269 20.50 13.89 -9.21
C GLU A 269 19.23 13.48 -8.47
N THR A 270 18.44 12.58 -9.06
CA THR A 270 17.22 12.00 -8.45
C THR A 270 17.35 10.48 -8.45
N LEU A 271 16.57 9.86 -7.55
CA LEU A 271 16.38 8.39 -7.46
C LEU A 271 14.92 8.14 -7.86
N THR A 272 14.70 7.21 -8.79
CA THR A 272 13.38 6.71 -9.14
C THR A 272 13.34 5.21 -8.81
N PHE A 273 12.56 4.85 -7.80
CA PHE A 273 12.33 3.46 -7.37
C PHE A 273 11.15 2.90 -8.17
N LEU A 274 11.29 1.67 -8.66
CA LEU A 274 10.23 0.85 -9.31
C LEU A 274 10.35 -0.58 -8.76
N ASP A 275 9.25 -1.31 -8.56
CA ASP A 275 9.26 -2.77 -8.33
C ASP A 275 9.68 -3.46 -9.64
N ALA A 276 9.93 -4.77 -9.60
CA ALA A 276 10.48 -5.55 -10.72
C ALA A 276 9.37 -6.15 -11.59
N HIS A 277 8.12 -5.71 -11.44
CA HIS A 277 6.95 -6.17 -12.22
C HIS A 277 6.07 -4.95 -12.53
N CYS A 278 6.67 -3.97 -13.19
CA CYS A 278 6.04 -2.70 -13.60
C CYS A 278 6.18 -2.53 -15.10
N GLU A 279 5.36 -1.64 -15.67
CA GLU A 279 5.41 -1.22 -17.08
C GLU A 279 5.05 0.26 -17.09
N CYS A 280 5.96 1.05 -17.65
CA CYS A 280 5.87 2.52 -17.70
C CYS A 280 4.92 2.90 -18.84
N PHE A 281 4.03 3.86 -18.60
CA PHE A 281 3.18 4.46 -19.66
C PHE A 281 3.95 5.58 -20.32
N TYR A 282 3.41 6.12 -21.42
CA TYR A 282 4.06 7.19 -22.22
C TYR A 282 4.12 8.46 -21.37
N GLY A 283 5.29 9.09 -21.35
CA GLY A 283 5.54 10.39 -20.72
C GLY A 283 5.50 10.34 -19.21
N TRP A 284 5.80 9.20 -18.62
CA TRP A 284 5.64 8.96 -17.16
C TRP A 284 6.73 9.69 -16.35
N LEU A 285 7.92 9.90 -16.91
CA LEU A 285 9.11 10.34 -16.14
C LEU A 285 9.15 11.87 -16.03
N GLU A 286 8.99 12.59 -17.15
CA GLU A 286 9.12 14.08 -17.16
C GLU A 286 8.31 14.75 -16.06
N PRO A 287 7.02 14.40 -15.84
CA PRO A 287 6.21 15.09 -14.83
C PRO A 287 6.70 14.86 -13.40
N LEU A 288 7.22 13.68 -13.06
CA LEU A 288 7.86 13.40 -11.73
C LEU A 288 9.07 14.32 -11.57
N LEU A 289 9.97 14.29 -12.53
CA LEU A 289 11.31 14.95 -12.45
C LEU A 289 11.16 16.47 -12.58
N ALA A 290 10.18 16.95 -13.35
CA ALA A 290 9.87 18.40 -13.48
C ALA A 290 9.35 18.93 -12.14
N ARG A 291 8.62 18.13 -11.39
CA ARG A 291 8.00 18.57 -10.13
C ARG A 291 9.11 18.70 -9.08
N ILE A 292 10.09 17.79 -9.10
CA ILE A 292 11.24 17.83 -8.14
C ILE A 292 12.09 19.03 -8.53
N ALA A 293 12.33 19.26 -9.83
CA ALA A 293 13.05 20.46 -10.31
C ALA A 293 12.40 21.73 -9.74
N GLU A 294 11.09 21.83 -9.77
CA GLU A 294 10.29 22.99 -9.26
C GLU A 294 10.39 23.08 -7.73
N ASN A 295 10.34 21.95 -7.02
CA ASN A 295 10.19 21.91 -5.55
C ASN A 295 10.95 20.70 -5.00
N PRO A 296 12.23 20.84 -4.64
CA PRO A 296 13.03 19.66 -4.28
C PRO A 296 12.68 18.95 -2.97
N VAL A 297 11.73 19.46 -2.17
CA VAL A 297 11.22 18.74 -0.97
C VAL A 297 9.96 17.96 -1.36
N ALA A 298 9.63 17.89 -2.64
CA ALA A 298 8.50 17.09 -3.17
C ALA A 298 9.00 15.67 -3.45
N VAL A 299 8.26 14.70 -2.93
CA VAL A 299 8.54 13.25 -3.07
C VAL A 299 7.38 12.73 -3.91
N VAL A 300 7.64 12.37 -5.16
CA VAL A 300 6.53 12.31 -6.15
C VAL A 300 6.35 10.88 -6.64
N SER A 301 5.09 10.50 -6.80
CA SER A 301 4.67 9.15 -7.21
C SER A 301 3.86 9.27 -8.49
N PRO A 302 3.93 8.26 -9.39
CA PRO A 302 2.96 8.13 -10.44
C PRO A 302 1.60 7.79 -9.85
N ASP A 303 0.57 8.06 -10.66
CA ASP A 303 -0.77 7.49 -10.53
C ASP A 303 -0.67 6.03 -10.95
N ILE A 304 -0.49 5.13 -10.00
CA ILE A 304 -0.13 3.70 -10.23
C ILE A 304 -1.33 2.98 -10.82
N ALA A 305 -1.13 2.33 -11.97
CA ALA A 305 -2.16 1.56 -12.68
C ALA A 305 -2.01 0.08 -12.32
N SER A 306 -3.13 -0.63 -12.28
CA SER A 306 -3.15 -2.09 -12.09
C SER A 306 -2.80 -2.82 -13.42
N ILE A 307 -1.88 -3.76 -13.32
CA ILE A 307 -1.65 -4.83 -14.34
C ILE A 307 -2.23 -6.11 -13.74
N ASP A 308 -3.19 -6.72 -14.41
CA ASP A 308 -3.97 -7.84 -13.83
C ASP A 308 -3.03 -9.04 -13.62
N LEU A 309 -2.94 -9.58 -12.40
CA LEU A 309 -2.06 -10.74 -12.07
C LEU A 309 -2.46 -11.99 -12.87
N ASN A 310 -3.72 -12.09 -13.37
CA ASN A 310 -4.19 -13.30 -14.14
C ASN A 310 -4.00 -13.13 -15.65
N THR A 311 -4.38 -11.99 -16.24
CA THR A 311 -4.42 -11.80 -17.72
C THR A 311 -3.31 -10.85 -18.21
N PHE A 312 -2.65 -10.14 -17.31
CA PHE A 312 -1.64 -9.08 -17.60
C PHE A 312 -2.26 -7.92 -18.37
N GLU A 313 -3.59 -7.78 -18.34
CA GLU A 313 -4.25 -6.57 -18.90
C GLU A 313 -3.75 -5.36 -18.10
N PHE A 314 -3.31 -4.30 -18.79
CA PHE A 314 -2.97 -2.99 -18.20
C PHE A 314 -4.22 -2.11 -18.10
N SER A 315 -4.60 -1.66 -16.90
CA SER A 315 -5.69 -0.65 -16.69
C SER A 315 -5.21 0.72 -17.15
N LYS A 316 -5.75 1.19 -18.26
CA LYS A 316 -5.25 2.40 -18.94
C LYS A 316 -5.87 3.62 -18.29
N PRO A 317 -5.15 4.76 -18.24
CA PRO A 317 -5.75 6.00 -17.79
C PRO A 317 -6.93 6.37 -18.68
N SER A 318 -7.89 7.15 -18.16
CA SER A 318 -8.99 7.70 -18.98
C SER A 318 -8.72 9.18 -19.20
N PRO A 319 -9.04 9.73 -20.38
CA PRO A 319 -8.77 11.12 -20.68
C PRO A 319 -9.64 12.14 -19.94
N TYR A 320 -10.82 11.76 -19.45
CA TYR A 320 -11.75 12.74 -18.83
C TYR A 320 -11.73 12.58 -17.31
N GLY A 321 -11.41 13.69 -16.63
CA GLY A 321 -10.90 13.82 -15.24
C GLY A 321 -11.66 12.94 -14.26
N HIS A 322 -11.40 11.62 -14.33
CA HIS A 322 -12.05 10.57 -13.51
C HIS A 322 -11.82 10.81 -12.01
N SER A 323 -12.40 9.93 -11.20
CA SER A 323 -12.04 9.68 -9.79
C SER A 323 -10.56 9.27 -9.74
N HIS A 324 -9.74 10.02 -9.02
CA HIS A 324 -8.37 9.63 -8.60
C HIS A 324 -8.40 9.01 -7.19
N ASN A 325 -7.39 8.24 -6.85
CA ASN A 325 -7.16 7.77 -5.46
C ASN A 325 -5.95 8.48 -4.87
N ARG A 326 -5.95 8.70 -3.56
CA ARG A 326 -4.73 9.08 -2.84
C ARG A 326 -4.48 7.99 -1.82
N GLY A 327 -3.27 7.95 -1.27
CA GLY A 327 -2.87 7.03 -0.19
C GLY A 327 -3.41 7.44 1.17
N ASN A 328 -3.78 6.47 1.99
CA ASN A 328 -4.06 6.72 3.43
C ASN A 328 -3.37 5.63 4.24
N PHE A 329 -3.59 5.62 5.56
CA PHE A 329 -3.29 4.49 6.46
C PHE A 329 -4.57 4.18 7.24
N ASP A 330 -4.76 2.96 7.71
CA ASP A 330 -5.82 2.62 8.70
C ASP A 330 -5.13 2.39 10.05
N TRP A 331 -5.90 2.14 11.12
CA TRP A 331 -5.34 2.16 12.50
C TRP A 331 -4.73 0.81 12.89
N SER A 332 -4.60 -0.10 11.93
CA SER A 332 -3.65 -1.24 11.96
C SER A 332 -2.35 -0.90 11.20
N LEU A 333 -2.19 0.38 10.82
CA LEU A 333 -1.10 0.94 9.99
C LEU A 333 -0.94 0.20 8.64
N SER A 334 -2.02 -0.29 8.04
CA SER A 334 -2.03 -0.77 6.63
C SER A 334 -2.18 0.43 5.68
N PHE A 335 -1.37 0.47 4.63
CA PHE A 335 -1.56 1.38 3.47
C PHE A 335 -2.95 1.11 2.86
N GLY A 336 -3.61 2.17 2.38
CA GLY A 336 -4.91 2.06 1.68
C GLY A 336 -5.09 3.16 0.65
N TRP A 337 -6.14 3.06 -0.17
CA TRP A 337 -6.52 4.05 -1.21
C TRP A 337 -7.83 4.73 -0.83
N GLU A 338 -7.96 6.03 -1.02
CA GLU A 338 -9.28 6.68 -0.88
C GLU A 338 -9.48 7.70 -2.01
N SER A 339 -10.74 8.00 -2.34
CA SER A 339 -11.16 9.19 -3.11
C SER A 339 -10.52 10.47 -2.57
N LEU A 340 -10.36 11.46 -3.44
CA LEU A 340 -9.86 12.81 -3.10
C LEU A 340 -10.98 13.54 -2.35
N PRO A 341 -10.66 14.39 -1.36
CA PRO A 341 -11.66 15.29 -0.78
C PRO A 341 -11.99 16.46 -1.74
N LYS A 342 -13.14 17.09 -1.52
CA LYS A 342 -13.70 18.17 -2.38
C LYS A 342 -12.73 19.35 -2.47
N HIS A 343 -12.10 19.78 -1.38
CA HIS A 343 -11.16 20.94 -1.37
C HIS A 343 -10.02 20.69 -2.37
N GLU A 344 -9.60 19.43 -2.57
CA GLU A 344 -8.43 19.07 -3.42
C GLU A 344 -8.88 19.10 -4.89
N ASN A 345 -10.05 18.55 -5.20
CA ASN A 345 -10.72 18.66 -6.53
C ASN A 345 -10.79 20.15 -6.93
N LYS A 346 -11.26 21.03 -6.02
CA LYS A 346 -11.37 22.50 -6.25
C LYS A 346 -9.97 23.08 -6.50
N ARG A 347 -8.98 22.75 -5.68
CA ARG A 347 -7.60 23.33 -5.77
C ARG A 347 -6.94 22.95 -7.11
N ARG A 348 -7.16 21.72 -7.61
CA ARG A 348 -6.53 21.16 -8.85
C ARG A 348 -7.28 21.65 -10.08
N LYS A 349 -6.73 22.64 -10.82
CA LYS A 349 -7.42 23.26 -11.99
C LYS A 349 -7.31 22.35 -13.23
N ASP A 350 -6.21 21.61 -13.42
CA ASP A 350 -6.09 20.57 -14.48
C ASP A 350 -5.28 19.41 -13.93
N GLU A 351 -5.08 18.38 -14.74
CA GLU A 351 -4.49 17.08 -14.30
C GLU A 351 -2.97 17.19 -14.18
N THR A 352 -2.35 18.26 -14.72
CA THR A 352 -0.89 18.50 -14.49
C THR A 352 -0.62 18.96 -13.05
N TYR A 353 -1.63 19.36 -12.27
CA TYR A 353 -1.45 19.77 -10.85
C TYR A 353 -1.15 18.54 -10.00
N PRO A 354 -0.19 18.60 -9.05
CA PRO A 354 -0.02 17.52 -8.10
C PRO A 354 -1.27 17.31 -7.22
N ILE A 355 -1.50 16.05 -6.84
CA ILE A 355 -2.44 15.56 -5.78
C ILE A 355 -1.63 15.43 -4.49
N ARG A 356 -2.01 16.13 -3.41
CA ARG A 356 -1.39 16.01 -2.05
C ARG A 356 -1.91 14.71 -1.42
N THR A 357 -1.03 13.81 -0.99
CA THR A 357 -1.44 12.48 -0.52
C THR A 357 -0.93 12.27 0.90
N PRO A 358 -1.82 11.95 1.85
CA PRO A 358 -1.40 11.63 3.22
C PRO A 358 -0.30 10.57 3.32
N THR A 359 -0.40 9.48 2.56
CA THR A 359 0.63 8.43 2.42
C THR A 359 0.86 8.12 0.94
N PHE A 360 1.91 7.36 0.63
CA PHE A 360 2.22 6.85 -0.74
C PHE A 360 2.43 5.35 -0.64
N ALA A 361 2.22 4.67 -1.76
CA ALA A 361 2.38 3.20 -1.82
C ALA A 361 3.86 2.88 -1.59
N GLY A 362 4.75 3.73 -2.07
CA GLY A 362 6.18 3.74 -1.68
C GLY A 362 7.08 2.78 -2.48
N GLY A 363 6.56 1.97 -3.38
CA GLY A 363 7.38 1.15 -4.29
C GLY A 363 7.86 1.96 -5.48
N LEU A 364 6.99 2.85 -5.98
CA LEU A 364 7.14 3.56 -7.26
C LEU A 364 7.15 5.04 -6.93
N PHE A 365 8.30 5.70 -6.96
CA PHE A 365 8.37 7.16 -6.70
C PHE A 365 9.73 7.68 -7.08
N SER A 366 9.80 9.02 -7.24
CA SER A 366 11.08 9.73 -7.43
C SER A 366 11.29 10.71 -6.28
N ILE A 367 12.56 10.97 -6.00
CA ILE A 367 13.00 11.94 -4.97
C ILE A 367 14.35 12.50 -5.38
N SER A 368 14.62 13.74 -5.04
CA SER A 368 16.00 14.28 -5.00
C SER A 368 16.89 13.29 -4.25
N LYS A 369 18.07 12.98 -4.76
CA LYS A 369 19.04 12.10 -4.06
C LYS A 369 19.47 12.81 -2.76
N ASP A 370 19.82 14.08 -2.86
CA ASP A 370 20.26 14.88 -1.69
C ASP A 370 19.14 14.90 -0.66
N TYR A 371 17.90 15.18 -1.06
CA TYR A 371 16.76 15.26 -0.11
C TYR A 371 16.51 13.89 0.52
N PHE A 372 16.57 12.82 -0.26
CA PHE A 372 16.42 11.44 0.25
C PHE A 372 17.36 11.25 1.45
N GLU A 373 18.63 11.67 1.32
CA GLU A 373 19.65 11.50 2.38
C GLU A 373 19.32 12.46 3.53
N TYR A 374 19.06 13.74 3.21
CA TYR A 374 18.80 14.78 4.23
C TYR A 374 17.58 14.40 5.10
N ILE A 375 16.50 13.90 4.51
CA ILE A 375 15.24 13.64 5.26
C ILE A 375 15.26 12.26 5.97
N GLY A 376 16.39 11.52 5.96
CA GLY A 376 16.64 10.32 6.79
C GLY A 376 16.42 8.99 6.04
N SER A 377 16.73 8.99 4.75
CA SER A 377 16.58 7.85 3.81
C SER A 377 15.55 6.83 4.33
N TYR A 378 15.92 5.68 4.89
CA TYR A 378 14.98 4.74 5.54
C TYR A 378 15.56 4.35 6.90
N ASP A 379 14.71 3.93 7.83
CA ASP A 379 15.15 3.23 9.08
C ASP A 379 15.77 1.89 8.67
N GLU A 380 17.11 1.85 8.64
CA GLU A 380 18.00 0.71 8.30
C GLU A 380 17.69 -0.53 9.16
N GLU A 381 17.00 -0.40 10.30
CA GLU A 381 16.68 -1.57 11.17
C GLU A 381 15.35 -2.23 10.78
N MET A 382 14.65 -1.74 9.75
CA MET A 382 13.40 -2.37 9.25
C MET A 382 13.76 -3.55 8.32
N GLU A 383 13.02 -4.68 8.36
CA GLU A 383 13.48 -5.95 7.73
C GLU A 383 12.47 -6.43 6.69
N ILE A 384 12.95 -7.04 5.60
CA ILE A 384 12.16 -7.78 4.56
C ILE A 384 11.20 -6.86 3.76
N TRP A 385 10.20 -6.29 4.45
CA TRP A 385 8.96 -5.71 3.84
C TRP A 385 8.11 -5.16 4.99
N GLY A 386 7.42 -4.05 4.74
CA GLY A 386 6.28 -3.61 5.54
C GLY A 386 6.65 -2.45 6.43
N GLY A 387 5.82 -1.41 6.42
CA GLY A 387 5.91 -0.24 7.33
C GLY A 387 6.71 0.92 6.75
N GLU A 388 7.67 0.69 5.83
CA GLU A 388 8.66 1.75 5.45
C GLU A 388 7.97 2.87 4.65
N ASN A 389 6.95 2.52 3.87
CA ASN A 389 6.19 3.50 3.06
C ASN A 389 5.40 4.41 4.01
N ILE A 390 4.76 3.83 5.02
CA ILE A 390 4.01 4.60 6.06
C ILE A 390 5.00 5.41 6.89
N GLU A 391 6.11 4.82 7.31
CA GLU A 391 7.15 5.54 8.07
C GLU A 391 7.64 6.74 7.25
N MET A 392 7.93 6.51 5.97
CA MET A 392 8.44 7.58 5.09
C MET A 392 7.36 8.65 4.87
N SER A 393 6.08 8.28 4.83
CA SER A 393 4.98 9.24 4.59
C SER A 393 4.96 10.24 5.75
N PHE A 394 4.91 9.75 6.99
CA PHE A 394 4.82 10.61 8.21
C PHE A 394 6.07 11.52 8.29
N ARG A 395 7.24 10.95 8.07
CA ARG A 395 8.56 11.62 8.24
C ARG A 395 8.69 12.74 7.20
N VAL A 396 8.38 12.48 5.93
CA VAL A 396 8.40 13.52 4.87
C VAL A 396 7.48 14.66 5.29
N TRP A 397 6.22 14.38 5.61
CA TRP A 397 5.22 15.44 5.90
C TRP A 397 5.61 16.19 7.17
N GLN A 398 5.93 15.46 8.25
CA GLN A 398 6.17 16.06 9.58
C GLN A 398 7.47 16.89 9.50
N CYS A 399 8.41 16.52 8.63
CA CYS A 399 9.76 17.15 8.61
C CYS A 399 9.89 18.19 7.49
N GLY A 400 8.79 18.61 6.88
CA GLY A 400 8.77 19.82 6.03
C GLY A 400 8.74 19.53 4.55
N GLY A 401 8.68 18.27 4.13
CA GLY A 401 8.47 17.93 2.70
C GLY A 401 7.00 17.85 2.33
N GLN A 402 6.72 17.41 1.11
CA GLN A 402 5.36 17.06 0.65
C GLN A 402 5.39 15.79 -0.22
N LEU A 403 4.38 14.97 -0.03
CA LEU A 403 4.08 13.68 -0.69
C LEU A 403 3.01 14.00 -1.74
N GLU A 404 3.29 13.75 -3.02
CA GLU A 404 2.44 14.11 -4.17
C GLU A 404 2.30 12.93 -5.13
N ILE A 405 1.13 12.81 -5.74
CA ILE A 405 0.83 11.91 -6.89
C ILE A 405 0.66 12.81 -8.11
N MET A 406 1.35 12.51 -9.21
CA MET A 406 1.23 13.25 -10.49
C MET A 406 0.43 12.40 -11.46
N PRO A 407 -0.87 12.67 -11.69
CA PRO A 407 -1.65 11.82 -12.58
C PRO A 407 -1.18 11.80 -14.05
N CYS A 408 -0.38 12.77 -14.50
CA CYS A 408 0.21 12.70 -15.87
C CYS A 408 1.28 11.60 -15.94
N SER A 409 1.71 11.09 -14.78
CA SER A 409 2.73 10.02 -14.68
C SER A 409 2.02 8.71 -14.39
N VAL A 410 1.98 7.79 -15.35
CA VAL A 410 1.25 6.50 -15.14
C VAL A 410 2.25 5.34 -15.27
N VAL A 411 2.28 4.49 -14.25
CA VAL A 411 3.10 3.26 -14.21
C VAL A 411 2.19 2.12 -13.73
N GLY A 412 2.16 1.04 -14.51
CA GLY A 412 1.42 -0.19 -14.19
C GLY A 412 2.23 -1.07 -13.27
N HIS A 413 1.54 -1.77 -12.38
CA HIS A 413 2.14 -2.62 -11.31
C HIS A 413 1.34 -3.91 -11.20
N VAL A 414 2.02 -5.05 -11.15
CA VAL A 414 1.33 -6.34 -10.90
C VAL A 414 1.01 -6.44 -9.40
N PHE A 415 -0.18 -5.97 -9.02
CA PHE A 415 -0.74 -6.11 -7.64
C PHE A 415 -1.08 -7.58 -7.40
N ARG A 416 -0.58 -8.12 -6.28
CA ARG A 416 -0.79 -9.53 -5.87
C ARG A 416 -1.70 -9.55 -4.64
N SER A 417 -2.37 -10.69 -4.43
CA SER A 417 -3.20 -10.95 -3.21
C SER A 417 -2.37 -11.65 -2.13
N LYS A 418 -1.34 -12.43 -2.50
CA LYS A 418 -0.43 -13.11 -1.54
C LYS A 418 1.04 -12.89 -1.94
N SER A 419 1.91 -12.69 -0.95
CA SER A 419 3.38 -12.58 -1.11
C SER A 419 3.93 -13.94 -1.55
N PRO A 420 4.82 -14.00 -2.58
CA PRO A 420 5.56 -15.24 -2.84
C PRO A 420 6.76 -15.42 -1.90
N HIS A 421 7.06 -14.41 -1.08
CA HIS A 421 8.36 -14.26 -0.37
C HIS A 421 8.36 -15.08 0.91
N THR A 422 9.42 -15.83 1.14
CA THR A 422 9.72 -16.44 2.47
C THR A 422 10.13 -15.29 3.42
N PHE A 423 9.79 -15.44 4.70
CA PHE A 423 10.19 -14.53 5.80
C PHE A 423 11.20 -15.29 6.66
N PRO A 424 12.52 -15.02 6.52
CA PRO A 424 13.56 -15.73 7.30
C PRO A 424 13.27 -15.92 8.80
N LYS A 425 12.68 -14.94 9.48
CA LYS A 425 12.35 -15.06 10.93
C LYS A 425 10.88 -14.64 11.14
N GLY A 426 9.97 -15.08 10.26
CA GLY A 426 8.50 -14.98 10.42
C GLY A 426 7.97 -13.57 10.16
N THR A 427 6.63 -13.45 10.03
CA THR A 427 5.93 -12.19 9.64
C THR A 427 5.91 -11.16 10.78
N GLN A 428 6.28 -11.55 12.02
CA GLN A 428 6.50 -10.66 13.22
C GLN A 428 7.34 -9.43 12.82
N VAL A 429 8.23 -9.61 11.86
CA VAL A 429 9.11 -8.56 11.26
C VAL A 429 8.25 -7.32 10.90
N ILE A 430 7.14 -7.54 10.20
CA ILE A 430 6.25 -6.44 9.72
C ILE A 430 5.77 -5.68 10.95
N THR A 431 5.38 -6.40 12.01
CA THR A 431 4.80 -5.71 13.19
C THR A 431 5.86 -4.92 13.95
N ARG A 432 7.09 -5.46 14.03
CA ARG A 432 8.27 -4.74 14.59
C ARG A 432 8.54 -3.45 13.81
N ASN A 433 8.62 -3.54 12.48
CA ASN A 433 8.76 -2.33 11.61
C ASN A 433 7.69 -1.29 11.96
N GLN A 434 6.44 -1.70 12.20
CA GLN A 434 5.33 -0.74 12.46
C GLN A 434 5.49 -0.09 13.84
N VAL A 435 5.93 -0.86 14.84
CA VAL A 435 6.13 -0.34 16.23
C VAL A 435 7.25 0.70 16.13
N ARG A 436 8.31 0.41 15.37
CA ARG A 436 9.46 1.36 15.19
C ARG A 436 8.93 2.69 14.63
N LEU A 437 8.05 2.68 13.62
CA LEU A 437 7.55 3.95 13.05
C LEU A 437 6.56 4.59 14.04
N ALA A 438 5.77 3.81 14.75
CA ALA A 438 4.79 4.32 15.73
C ALA A 438 5.55 5.02 16.88
N GLU A 439 6.61 4.42 17.40
CA GLU A 439 7.39 5.00 18.54
C GLU A 439 8.00 6.36 18.12
N VAL A 440 8.57 6.43 16.91
CA VAL A 440 9.27 7.66 16.44
C VAL A 440 8.26 8.76 16.08
N TRP A 441 7.17 8.48 15.36
CA TRP A 441 6.40 9.54 14.63
C TRP A 441 5.02 9.79 15.24
N MET A 442 4.38 8.80 15.87
CA MET A 442 2.92 8.94 16.09
C MET A 442 2.56 9.57 17.46
N ASP A 443 3.54 9.88 18.33
CA ASP A 443 3.26 10.51 19.66
C ASP A 443 2.19 9.69 20.41
N GLU A 444 1.16 10.33 20.96
CA GLU A 444 0.16 9.61 21.81
C GLU A 444 -0.69 8.67 20.93
N TYR A 445 -0.83 8.96 19.63
CA TYR A 445 -1.73 8.22 18.70
C TYR A 445 -1.23 6.79 18.50
N LYS A 446 0.01 6.47 18.86
CA LYS A 446 0.57 5.10 18.74
C LYS A 446 -0.29 4.10 19.53
N GLU A 447 -0.89 4.54 20.64
CA GLU A 447 -1.72 3.67 21.55
C GLU A 447 -2.95 3.14 20.79
N ILE A 448 -3.46 3.90 19.81
CA ILE A 448 -4.66 3.51 19.00
C ILE A 448 -4.30 2.26 18.20
N PHE A 449 -3.04 2.15 17.77
CA PHE A 449 -2.55 1.02 16.95
C PHE A 449 -2.24 -0.18 17.86
N TYR A 450 -1.61 0.07 19.02
CA TYR A 450 -1.17 -0.96 19.99
C TYR A 450 -2.37 -1.77 20.49
N ARG A 451 -3.48 -1.09 20.70
CA ARG A 451 -4.80 -1.64 21.14
C ARG A 451 -5.36 -2.61 20.08
N ARG A 452 -5.15 -2.31 18.79
CA ARG A 452 -5.72 -3.06 17.64
C ARG A 452 -4.79 -4.17 17.14
N ASN A 453 -3.49 -4.09 17.40
CA ASN A 453 -2.53 -5.13 17.02
C ASN A 453 -1.84 -5.58 18.30
N THR A 454 -2.32 -6.67 18.90
CA THR A 454 -1.87 -7.19 20.22
C THR A 454 -0.38 -7.53 20.13
N GLU A 455 0.03 -8.12 19.02
CA GLU A 455 1.44 -8.46 18.72
C GLU A 455 2.31 -7.19 18.88
N ALA A 456 1.80 -6.04 18.49
CA ALA A 456 2.55 -4.77 18.54
C ALA A 456 2.62 -4.33 20.00
N ALA A 457 1.51 -4.37 20.72
CA ALA A 457 1.43 -4.06 22.17
C ALA A 457 2.45 -4.88 22.98
N LYS A 458 2.67 -6.14 22.58
CA LYS A 458 3.56 -7.12 23.23
C LYS A 458 5.02 -6.71 22.93
N ILE A 459 5.34 -6.49 21.65
CA ILE A 459 6.66 -5.99 21.21
C ILE A 459 7.02 -4.73 22.00
N VAL A 460 6.07 -3.84 22.26
CA VAL A 460 6.34 -2.60 23.06
C VAL A 460 6.65 -2.99 24.50
N LYS A 461 5.86 -3.91 25.07
CA LYS A 461 5.90 -4.29 26.52
C LYS A 461 7.23 -5.01 26.80
N GLN A 462 7.63 -5.93 25.91
CA GLN A 462 8.88 -6.71 26.00
C GLN A 462 10.07 -5.95 25.38
N LYS A 463 9.87 -4.72 24.90
CA LYS A 463 10.92 -3.82 24.31
C LYS A 463 11.82 -4.57 23.33
N THR A 464 11.25 -5.34 22.40
CA THR A 464 12.03 -6.09 21.38
C THR A 464 12.03 -5.35 20.04
N PHE A 465 11.67 -4.06 19.99
CA PHE A 465 11.53 -3.29 18.70
C PHE A 465 12.85 -2.57 18.36
N GLY A 466 13.82 -2.61 19.28
CA GLY A 466 15.23 -2.23 19.04
C GLY A 466 15.47 -0.77 19.33
N ASP A 467 16.69 -0.32 19.05
CA ASP A 467 17.15 1.06 19.34
C ASP A 467 16.63 1.93 18.19
N ILE A 468 15.96 3.03 18.50
CA ILE A 468 15.40 4.02 17.55
C ILE A 468 16.07 5.39 17.78
N SER A 469 17.18 5.45 18.52
CA SER A 469 17.82 6.73 18.96
C SER A 469 18.22 7.56 17.73
N LYS A 470 18.71 6.93 16.65
CA LYS A 470 19.08 7.67 15.40
C LYS A 470 17.83 8.29 14.78
N ARG A 471 16.70 7.60 14.81
CA ARG A 471 15.41 8.11 14.26
C ARG A 471 14.91 9.24 15.16
N ILE A 472 14.93 9.05 16.49
CA ILE A 472 14.53 10.14 17.45
C ILE A 472 15.41 11.36 17.18
N ASP A 473 16.73 11.17 17.07
CA ASP A 473 17.72 12.27 16.86
C ASP A 473 17.36 13.04 15.58
N LEU A 474 17.08 12.33 14.48
CA LEU A 474 16.71 12.92 13.16
C LEU A 474 15.46 13.79 13.34
N ARG A 475 14.43 13.30 14.03
CA ARG A 475 13.15 14.05 14.22
C ARG A 475 13.43 15.35 14.97
N GLN A 476 14.38 15.32 15.91
CA GLN A 476 14.78 16.49 16.72
C GLN A 476 15.62 17.43 15.85
N ARG A 477 16.68 16.93 15.20
CA ARG A 477 17.58 17.80 14.40
C ARG A 477 16.77 18.55 13.33
N LEU A 478 15.80 17.89 12.68
CA LEU A 478 15.05 18.50 11.56
C LEU A 478 13.87 19.31 12.11
N GLN A 479 13.62 19.29 13.41
CA GLN A 479 12.51 20.09 14.01
C GLN A 479 11.18 19.67 13.38
N CYS A 480 10.96 18.39 13.21
CA CYS A 480 9.73 17.83 12.59
C CYS A 480 8.56 18.18 13.52
N LYS A 481 7.40 18.44 12.93
CA LYS A 481 6.12 18.67 13.64
C LYS A 481 5.59 17.35 14.21
N ASN A 482 4.60 17.46 15.08
CA ASN A 482 4.10 16.28 15.82
C ASN A 482 2.95 15.68 15.02
N PHE A 483 2.42 14.56 15.50
CA PHE A 483 1.40 13.78 14.77
C PHE A 483 0.07 14.50 14.79
N THR A 484 -0.21 15.29 15.85
CA THR A 484 -1.42 16.18 15.97
C THR A 484 -1.40 17.15 14.78
N TRP A 485 -0.24 17.71 14.46
CA TRP A 485 -0.06 18.62 13.31
C TRP A 485 -0.35 17.86 12.00
N TYR A 486 0.22 16.67 11.84
CA TYR A 486 0.03 15.83 10.64
C TYR A 486 -1.47 15.56 10.41
N LEU A 487 -2.19 15.09 11.43
CA LEU A 487 -3.65 14.78 11.32
C LEU A 487 -4.43 16.05 10.96
N SER A 488 -4.10 17.22 11.54
CA SER A 488 -4.78 18.54 11.31
C SER A 488 -4.50 19.10 9.92
N ASN A 489 -3.23 19.10 9.49
CA ASN A 489 -2.75 19.83 8.30
C ASN A 489 -2.69 18.91 7.07
N VAL A 490 -2.36 17.62 7.20
CA VAL A 490 -2.20 16.66 6.06
C VAL A 490 -3.47 15.82 5.88
N TYR A 491 -4.05 15.28 6.95
CA TYR A 491 -5.13 14.27 6.84
C TYR A 491 -6.33 14.63 7.71
N PRO A 492 -6.86 15.87 7.58
CA PRO A 492 -7.97 16.33 8.42
C PRO A 492 -9.24 15.51 8.20
N GLU A 493 -9.34 14.77 7.09
CA GLU A 493 -10.53 13.95 6.76
C GLU A 493 -10.49 12.66 7.58
N ALA A 494 -9.37 12.27 8.19
CA ALA A 494 -9.23 10.94 8.82
C ALA A 494 -10.16 10.81 10.03
N TYR A 495 -10.86 9.70 10.14
CA TYR A 495 -11.49 9.23 11.40
C TYR A 495 -10.35 8.88 12.37
N VAL A 496 -10.32 9.53 13.53
CA VAL A 496 -9.33 9.29 14.61
C VAL A 496 -10.09 8.67 15.80
N PRO A 497 -9.90 7.37 16.12
CA PRO A 497 -10.49 6.79 17.32
C PRO A 497 -10.09 7.59 18.57
N ASP A 498 -10.75 7.31 19.69
CA ASP A 498 -10.36 7.83 21.03
C ASP A 498 -8.97 7.31 21.39
N LEU A 499 -8.13 8.18 21.94
CA LEU A 499 -6.85 7.83 22.60
C LEU A 499 -7.08 6.81 23.72
N ASN A 500 -8.11 7.02 24.55
CA ASN A 500 -8.42 6.19 25.75
C ASN A 500 -9.91 5.84 25.69
N PRO A 501 -10.28 4.80 24.92
CA PRO A 501 -11.68 4.37 24.83
C PRO A 501 -12.14 3.74 26.17
N LEU A 502 -13.44 3.75 26.46
CA LEU A 502 -14.02 3.22 27.72
C LEU A 502 -13.57 1.78 27.89
N PHE A 503 -13.62 1.02 26.82
CA PHE A 503 -13.24 -0.42 26.85
C PHE A 503 -12.84 -0.84 25.43
N SER A 504 -11.86 -1.75 25.30
CA SER A 504 -11.48 -2.44 24.04
C SER A 504 -11.08 -3.89 24.35
N GLY A 505 -11.29 -4.78 23.37
CA GLY A 505 -10.97 -6.20 23.50
C GLY A 505 -11.81 -7.03 22.53
N TYR A 506 -12.20 -8.22 22.95
CA TYR A 506 -12.86 -9.23 22.10
C TYR A 506 -14.14 -9.67 22.79
N LEU A 507 -15.02 -10.27 22.03
CA LEU A 507 -16.33 -10.80 22.49
C LEU A 507 -16.29 -12.31 22.34
N LYS A 508 -16.11 -13.02 23.44
CA LYS A 508 -16.03 -14.49 23.46
C LYS A 508 -17.38 -15.04 23.94
N ASN A 509 -17.89 -16.03 23.22
CA ASN A 509 -19.18 -16.70 23.49
C ASN A 509 -18.95 -17.87 24.46
N ILE A 510 -19.64 -17.91 25.61
CA ILE A 510 -19.55 -19.07 26.56
C ILE A 510 -19.96 -20.35 25.83
N GLY A 511 -21.10 -20.36 25.16
CA GLY A 511 -21.63 -21.57 24.51
C GLY A 511 -20.60 -22.33 23.69
N ASN A 512 -20.05 -21.72 22.65
CA ASN A 512 -19.22 -22.39 21.63
C ASN A 512 -17.75 -21.99 21.78
N ARG A 513 -17.42 -21.11 22.74
CA ARG A 513 -16.02 -20.77 23.11
C ARG A 513 -15.28 -20.11 21.92
N MET A 514 -16.01 -19.51 20.98
CA MET A 514 -15.40 -18.74 19.86
C MET A 514 -15.65 -17.24 20.02
N CYS A 515 -14.99 -16.43 19.18
CA CYS A 515 -15.02 -14.94 19.25
C CYS A 515 -15.85 -14.39 18.09
N LEU A 516 -16.59 -13.32 18.33
CA LEU A 516 -17.24 -12.52 17.26
C LEU A 516 -16.12 -11.99 16.37
N ASP A 517 -16.23 -12.27 15.06
CA ASP A 517 -15.23 -11.94 14.03
C ASP A 517 -15.97 -11.25 12.88
N VAL A 518 -15.35 -10.23 12.27
CA VAL A 518 -16.00 -9.40 11.22
C VAL A 518 -15.87 -10.13 9.88
N GLY A 519 -15.05 -11.16 9.83
CA GLY A 519 -14.85 -12.00 8.63
C GLY A 519 -13.80 -11.43 7.68
N GLU A 520 -13.42 -12.29 6.71
CA GLU A 520 -12.44 -12.04 5.61
C GLU A 520 -12.68 -10.67 4.98
N ASN A 521 -13.92 -10.38 4.56
CA ASN A 521 -14.22 -9.15 3.77
C ASN A 521 -15.55 -8.52 4.20
N ASN A 522 -15.49 -7.26 4.66
CA ASN A 522 -16.55 -6.49 5.37
C ASN A 522 -16.15 -4.99 5.39
N HIS A 523 -16.96 -4.06 4.81
CA HIS A 523 -16.80 -2.56 4.94
C HIS A 523 -18.17 -1.84 4.92
N GLY A 524 -19.23 -2.60 5.29
CA GLY A 524 -20.66 -2.41 4.99
C GLY A 524 -21.37 -3.74 4.69
N GLY A 525 -22.58 -3.95 5.25
CA GLY A 525 -23.65 -4.84 4.74
C GLY A 525 -23.63 -6.30 5.23
N LYS A 526 -22.50 -7.01 5.04
CA LYS A 526 -22.37 -8.49 5.18
C LYS A 526 -22.49 -8.96 6.63
N PRO A 527 -23.06 -10.17 6.85
CA PRO A 527 -23.09 -10.77 8.18
C PRO A 527 -21.69 -11.03 8.74
N LEU A 528 -21.59 -11.17 10.06
CA LEU A 528 -20.31 -11.46 10.78
C LEU A 528 -20.20 -12.97 10.93
N ILE A 529 -19.08 -13.46 11.48
CA ILE A 529 -18.88 -14.92 11.76
C ILE A 529 -18.44 -15.11 13.22
N MET A 530 -18.43 -16.36 13.67
CA MET A 530 -17.68 -16.85 14.85
C MET A 530 -16.39 -17.47 14.32
N TYR A 531 -15.26 -17.21 14.97
CA TYR A 531 -13.92 -17.71 14.63
C TYR A 531 -13.15 -17.96 15.93
N SER A 532 -12.23 -18.91 15.91
CA SER A 532 -11.37 -19.21 17.09
C SER A 532 -10.81 -17.90 17.61
N CYS A 533 -10.93 -17.69 18.92
CA CYS A 533 -10.33 -16.56 19.66
C CYS A 533 -8.82 -16.65 19.48
N HIS A 534 -8.18 -15.63 18.91
CA HIS A 534 -6.71 -15.62 18.65
C HIS A 534 -6.01 -14.59 19.53
N GLY A 535 -6.76 -13.70 20.21
CA GLY A 535 -6.22 -12.62 21.06
C GLY A 535 -5.38 -11.61 20.30
N LEU A 536 -5.36 -11.62 18.97
CA LEU A 536 -4.48 -10.74 18.12
C LEU A 536 -5.13 -9.37 17.87
N GLY A 537 -6.37 -9.14 18.25
CA GLY A 537 -7.10 -7.91 17.88
C GLY A 537 -7.58 -8.03 16.45
N GLY A 538 -7.32 -7.03 15.61
CA GLY A 538 -7.65 -7.10 14.17
C GLY A 538 -9.14 -7.33 13.96
N ASN A 539 -9.49 -8.44 13.32
CA ASN A 539 -10.88 -8.77 12.93
C ASN A 539 -11.75 -9.09 14.15
N GLN A 540 -11.13 -9.27 15.34
CA GLN A 540 -11.82 -9.59 16.62
C GLN A 540 -11.79 -8.36 17.55
N TYR A 541 -11.40 -7.18 17.04
CA TYR A 541 -11.29 -5.93 17.83
C TYR A 541 -12.66 -5.22 17.95
N PHE A 542 -13.07 -4.88 19.17
CA PHE A 542 -14.33 -4.14 19.47
C PHE A 542 -14.08 -3.17 20.62
N GLU A 543 -14.74 -2.02 20.54
CA GLU A 543 -14.77 -0.99 21.61
C GLU A 543 -16.20 -0.82 22.09
N TYR A 544 -16.35 -0.38 23.34
CA TYR A 544 -17.66 -0.01 23.93
C TYR A 544 -17.62 1.50 24.16
N SER A 545 -18.63 2.23 23.64
CA SER A 545 -18.75 3.71 23.69
C SER A 545 -19.62 4.14 24.90
N ALA A 546 -19.46 5.40 25.32
CA ALA A 546 -20.31 6.08 26.33
C ALA A 546 -21.77 5.97 25.91
N HIS A 547 -22.06 5.86 24.60
CA HIS A 547 -23.44 5.88 24.07
C HIS A 547 -23.94 4.46 23.80
N HIS A 548 -23.26 3.45 24.37
CA HIS A 548 -23.66 2.02 24.38
C HIS A 548 -23.40 1.38 23.00
N GLU A 549 -22.47 1.92 22.22
CA GLU A 549 -22.12 1.34 20.90
C GLU A 549 -21.01 0.32 21.09
N ILE A 550 -21.08 -0.75 20.30
CA ILE A 550 -19.96 -1.69 20.11
C ILE A 550 -19.33 -1.39 18.76
N ARG A 551 -18.18 -0.70 18.75
CA ARG A 551 -17.48 -0.25 17.52
C ARG A 551 -16.47 -1.29 17.05
N HIS A 552 -16.39 -1.50 15.72
CA HIS A 552 -15.19 -2.03 15.01
C HIS A 552 -14.61 -0.88 14.17
N ASN A 553 -13.57 -0.22 14.69
CA ASN A 553 -13.08 1.08 14.20
C ASN A 553 -11.56 0.96 13.95
N ILE A 554 -11.18 0.16 12.95
CA ILE A 554 -9.81 0.10 12.37
C ILE A 554 -9.77 1.11 11.21
N GLN A 555 -10.62 0.90 10.20
CA GLN A 555 -10.75 1.67 8.92
C GLN A 555 -11.81 2.77 9.11
N LYS A 556 -13.10 2.44 8.99
CA LYS A 556 -14.22 3.38 9.24
C LYS A 556 -14.71 3.24 10.69
N GLU A 557 -15.45 4.24 11.14
CA GLU A 557 -16.26 4.17 12.36
C GLU A 557 -17.49 3.30 12.06
N LEU A 558 -17.35 1.97 12.15
CA LEU A 558 -18.43 0.96 12.04
C LEU A 558 -18.98 0.57 13.42
N CYS A 559 -20.30 0.33 13.50
CA CYS A 559 -21.06 0.00 14.74
C CYS A 559 -21.84 -1.30 14.53
N LEU A 560 -21.78 -2.21 15.51
CA LEU A 560 -22.64 -3.40 15.56
C LEU A 560 -24.10 -2.94 15.49
N HIS A 561 -24.82 -3.44 14.51
CA HIS A 561 -26.12 -2.85 14.07
C HIS A 561 -27.19 -3.95 14.09
N ALA A 562 -28.12 -3.89 15.02
CA ALA A 562 -29.13 -4.94 15.23
C ALA A 562 -30.16 -4.94 14.10
N SER A 563 -30.67 -6.13 13.82
CA SER A 563 -31.57 -6.51 12.72
C SER A 563 -32.42 -7.69 13.17
N LYS A 564 -33.53 -8.00 12.48
CA LYS A 564 -34.40 -9.13 12.88
C LYS A 564 -33.62 -10.45 12.71
N GLY A 565 -32.75 -10.54 11.68
CA GLY A 565 -31.91 -11.72 11.39
C GLY A 565 -30.46 -11.52 11.85
N PRO A 566 -29.47 -11.73 10.96
CA PRO A 566 -28.06 -11.55 11.32
C PRO A 566 -27.72 -10.11 11.73
N VAL A 567 -26.80 -9.99 12.70
CA VAL A 567 -26.24 -8.67 13.11
C VAL A 567 -25.31 -8.21 11.98
N GLN A 568 -25.23 -6.90 11.78
CA GLN A 568 -24.35 -6.28 10.74
C GLN A 568 -23.38 -5.31 11.42
N LEU A 569 -22.31 -4.97 10.71
CA LEU A 569 -21.53 -3.73 10.96
C LEU A 569 -22.03 -2.70 9.96
N ARG A 570 -22.39 -1.53 10.45
CA ARG A 570 -22.81 -0.37 9.63
C ARG A 570 -22.10 0.85 10.18
N GLU A 571 -22.08 1.93 9.41
CA GLU A 571 -21.52 3.24 9.82
C GLU A 571 -22.26 3.66 11.08
N CYS A 572 -21.52 4.07 12.10
CA CYS A 572 -22.11 4.64 13.32
C CYS A 572 -22.91 5.87 12.89
N THR A 573 -24.13 6.03 13.39
CA THR A 573 -24.92 7.27 13.22
C THR A 573 -24.49 8.35 14.23
N TYR A 574 -23.92 7.97 15.38
CA TYR A 574 -23.21 8.89 16.31
C TYR A 574 -21.81 9.19 15.76
N LYS A 575 -21.53 10.48 15.51
CA LYS A 575 -20.22 10.98 15.02
C LYS A 575 -19.94 12.36 15.63
N GLY A 576 -20.37 12.62 16.88
CA GLY A 576 -20.01 13.81 17.67
C GLY A 576 -21.19 14.68 18.03
N GLN A 577 -20.97 16.01 18.02
CA GLN A 577 -21.88 17.08 18.56
C GLN A 577 -23.32 16.90 18.07
N LYS A 578 -23.58 17.22 16.80
CA LYS A 578 -24.94 17.26 16.18
C LYS A 578 -25.70 15.96 16.51
N THR A 579 -25.17 14.81 16.08
CA THR A 579 -25.91 13.52 15.92
C THR A 579 -26.06 12.79 17.26
N PHE A 580 -26.84 11.70 17.25
CA PHE A 580 -27.23 10.85 18.40
C PHE A 580 -26.71 9.41 18.17
N ALA A 581 -27.22 8.44 18.94
CA ALA A 581 -27.00 6.99 18.73
C ALA A 581 -28.35 6.26 18.57
N VAL A 582 -28.59 5.66 17.40
CA VAL A 582 -29.86 4.96 17.06
C VAL A 582 -29.91 3.64 17.84
N GLY A 583 -31.11 3.18 18.22
CA GLY A 583 -31.28 2.01 19.09
C GLY A 583 -30.74 0.71 18.51
N GLU A 584 -30.75 0.57 17.19
CA GLU A 584 -30.19 -0.63 16.51
C GLU A 584 -28.66 -0.75 16.77
N GLU A 585 -28.01 0.32 17.24
CA GLU A 585 -26.54 0.38 17.46
C GLU A 585 -26.21 0.61 18.96
N GLN A 586 -27.21 0.47 19.84
CA GLN A 586 -27.03 0.55 21.33
C GLN A 586 -27.25 -0.81 21.99
N TRP A 587 -26.26 -1.24 22.78
CA TRP A 587 -26.24 -2.57 23.43
C TRP A 587 -25.96 -2.40 24.92
N LEU A 588 -26.60 -3.24 25.74
CA LEU A 588 -26.32 -3.40 27.19
C LEU A 588 -25.75 -4.80 27.39
N HIS A 589 -24.55 -4.89 27.95
CA HIS A 589 -23.95 -6.17 28.44
C HIS A 589 -24.51 -6.43 29.83
N GLN A 590 -25.49 -7.31 29.99
CA GLN A 590 -26.22 -7.44 31.28
C GLN A 590 -25.52 -8.41 32.26
N LYS A 591 -26.09 -8.54 33.46
CA LYS A 591 -25.55 -9.35 34.59
C LYS A 591 -25.46 -10.83 34.24
N ASP A 592 -26.27 -11.28 33.28
CA ASP A 592 -26.32 -12.69 32.82
C ASP A 592 -25.42 -12.86 31.59
N GLN A 593 -24.61 -11.84 31.29
CA GLN A 593 -23.58 -11.83 30.20
C GLN A 593 -24.24 -11.80 28.81
N THR A 594 -25.53 -11.47 28.73
CA THR A 594 -26.27 -11.33 27.44
C THR A 594 -25.97 -9.96 26.86
N LEU A 595 -25.95 -9.86 25.52
CA LEU A 595 -25.83 -8.59 24.75
C LEU A 595 -27.20 -8.24 24.18
N TYR A 596 -27.82 -7.21 24.78
CA TYR A 596 -29.24 -6.85 24.65
C TYR A 596 -29.34 -5.58 23.81
N ASN A 597 -29.93 -5.69 22.63
CA ASN A 597 -30.11 -4.54 21.73
C ASN A 597 -31.27 -3.69 22.23
N GLU A 598 -31.05 -2.39 22.38
CA GLU A 598 -31.99 -1.46 23.05
C GLU A 598 -33.25 -1.20 22.19
N ALA A 599 -33.12 -1.21 20.87
CA ALA A 599 -34.24 -1.01 19.92
C ALA A 599 -35.12 -2.27 19.83
N LEU A 600 -34.54 -3.43 19.53
CA LEU A 600 -35.30 -4.67 19.24
C LEU A 600 -35.63 -5.45 20.50
N HIS A 601 -35.10 -5.07 21.66
CA HIS A 601 -35.35 -5.79 22.94
C HIS A 601 -35.07 -7.27 22.75
N MET A 602 -33.96 -7.63 22.10
CA MET A 602 -33.54 -9.03 21.82
C MET A 602 -32.04 -9.13 22.11
N CYS A 603 -31.47 -10.34 22.02
CA CYS A 603 -30.14 -10.71 22.55
C CYS A 603 -29.33 -11.35 21.43
N LEU A 604 -28.04 -11.02 21.35
CA LEU A 604 -27.13 -11.60 20.32
C LEU A 604 -26.87 -13.05 20.69
N THR A 605 -27.10 -13.98 19.77
CA THR A 605 -26.68 -15.39 19.93
C THR A 605 -25.53 -15.70 18.98
N GLY A 606 -24.65 -16.62 19.39
CA GLY A 606 -23.45 -17.07 18.66
C GLY A 606 -23.70 -18.40 17.97
N ASN A 607 -24.94 -18.87 18.00
CA ASN A 607 -25.37 -20.07 17.24
C ASN A 607 -25.51 -19.74 15.74
N GLY A 608 -25.46 -20.78 14.90
CA GLY A 608 -25.50 -20.69 13.42
C GLY A 608 -24.17 -20.17 12.87
N GLU A 609 -24.07 -20.01 11.55
CA GLU A 609 -22.87 -19.49 10.84
C GLU A 609 -22.70 -18.01 11.19
N HIS A 610 -23.80 -17.26 11.27
CA HIS A 610 -23.81 -15.79 11.52
C HIS A 610 -24.52 -15.49 12.84
N PRO A 611 -23.89 -14.74 13.76
CA PRO A 611 -24.57 -14.26 14.95
C PRO A 611 -25.82 -13.46 14.58
N SER A 612 -26.94 -13.74 15.23
CA SER A 612 -28.24 -13.11 14.94
C SER A 612 -28.90 -12.65 16.24
N LEU A 613 -30.02 -11.96 16.14
CA LEU A 613 -30.80 -11.59 17.33
C LEU A 613 -31.89 -12.63 17.60
N ALA A 614 -32.07 -12.98 18.85
CA ALA A 614 -33.01 -14.00 19.32
C ALA A 614 -33.67 -13.50 20.60
N SER A 615 -34.82 -14.09 20.93
CA SER A 615 -35.52 -13.87 22.22
C SER A 615 -34.53 -14.11 23.37
N CYS A 616 -34.41 -13.15 24.30
CA CYS A 616 -33.41 -13.17 25.40
C CYS A 616 -33.66 -14.36 26.33
N ASN A 617 -32.75 -15.35 26.32
CA ASN A 617 -32.77 -16.55 27.20
C ASN A 617 -31.51 -16.60 28.09
N PRO A 618 -31.57 -16.01 29.32
CA PRO A 618 -30.49 -16.08 30.30
C PRO A 618 -29.81 -17.43 30.61
N SER A 619 -30.47 -18.56 30.27
CA SER A 619 -29.93 -19.94 30.41
C SER A 619 -29.25 -20.42 29.13
N ASP A 620 -29.39 -19.69 28.02
CA ASP A 620 -28.75 -20.13 26.74
C ASP A 620 -27.28 -19.72 26.80
N PRO A 621 -26.35 -20.68 26.92
CA PRO A 621 -24.92 -20.38 26.86
C PRO A 621 -24.49 -19.61 25.60
N PHE A 622 -25.27 -19.71 24.53
CA PHE A 622 -24.92 -19.14 23.19
C PHE A 622 -25.29 -17.65 23.16
N GLN A 623 -26.01 -17.17 24.18
CA GLN A 623 -26.32 -15.73 24.40
C GLN A 623 -25.41 -15.13 25.47
N LYS A 624 -24.48 -15.90 26.01
CA LYS A 624 -23.54 -15.44 27.07
C LYS A 624 -22.21 -15.05 26.42
N TRP A 625 -21.84 -13.77 26.60
CA TRP A 625 -20.64 -13.15 26.03
C TRP A 625 -19.71 -12.71 27.16
N ILE A 626 -18.43 -13.04 27.02
CA ILE A 626 -17.32 -12.38 27.77
C ILE A 626 -16.76 -11.25 26.92
N PHE A 627 -16.67 -10.06 27.51
CA PHE A 627 -15.99 -8.87 26.94
C PHE A 627 -14.56 -8.88 27.46
N GLY A 628 -13.69 -9.67 26.85
CA GLY A 628 -12.32 -9.89 27.33
C GLY A 628 -11.38 -8.80 26.85
N GLN A 629 -10.53 -8.29 27.72
CA GLN A 629 -9.40 -7.41 27.36
C GLN A 629 -8.22 -8.31 26.95
N ASN A 630 -7.33 -7.80 26.10
CA ASN A 630 -6.12 -8.51 25.62
C ASN A 630 -4.99 -8.31 26.65
N ALA B 1 -5.83 -20.19 11.84
CA ALA B 1 -5.91 -18.88 12.56
C ALA B 1 -5.08 -17.84 11.82
N THR B 2 -5.65 -17.20 10.79
CA THR B 2 -5.06 -16.01 10.10
C THR B 2 -4.42 -15.10 11.15
N GLY B 3 -3.21 -14.60 10.88
CA GLY B 3 -2.43 -13.72 11.78
C GLY B 3 -2.57 -12.26 11.42
N ALA B 4 -3.27 -11.95 10.33
CA ALA B 4 -3.55 -10.57 9.84
C ALA B 4 -4.67 -10.63 8.79
N GLY B 5 -5.04 -9.48 8.22
CA GLY B 5 -6.07 -9.36 7.15
C GLY B 5 -5.77 -10.25 5.96
N ALA B 6 -6.08 -11.55 6.08
CA ALA B 6 -6.01 -12.60 5.03
C ALA B 6 -4.57 -12.85 4.57
N GLY B 7 -4.13 -12.22 3.48
CA GLY B 7 -2.81 -12.41 2.87
C GLY B 7 -2.02 -11.11 2.77
N ALA B 8 -1.83 -10.41 3.90
CA ALA B 8 -0.96 -9.22 4.04
C ALA B 8 0.47 -9.59 3.64
N GLY B 9 1.36 -8.58 3.50
CA GLY B 9 2.66 -8.76 2.82
C GLY B 9 2.61 -8.29 1.38
N THR B 10 1.45 -7.76 0.95
CA THR B 10 1.24 -7.15 -0.39
C THR B 10 0.57 -5.77 -0.24
N THR B 11 0.82 -4.88 -1.18
CA THR B 11 0.11 -3.58 -1.27
C THR B 11 -1.19 -3.86 -2.00
N PRO B 12 -2.34 -3.35 -1.53
CA PRO B 12 -3.61 -3.56 -2.25
C PRO B 12 -3.63 -2.66 -3.50
N GLY B 13 -4.29 -3.10 -4.58
CA GLY B 13 -4.55 -2.29 -5.78
C GLY B 13 -5.64 -1.24 -5.54
N PRO B 14 -5.72 -0.17 -6.36
CA PRO B 14 -6.75 0.88 -6.21
C PRO B 14 -8.23 0.45 -6.25
#